data_1JHP
#
_entry.id   1JHP
#
_cell.length_a   71.700
_cell.length_b   89.980
_cell.length_c   47.630
_cell.angle_alpha   90.00
_cell.angle_beta   90.00
_cell.angle_gamma   90.00
#
_symmetry.space_group_name_H-M   'P 21 21 2'
#
loop_
_entity.id
_entity.type
_entity.pdbx_description
1 polymer 'Nicotinate Mononucleotide:5,6-Dimethylbenzimidazole Phosphoribosyltransferase'
2 non-polymer 'PHOSPHATE ION'
3 non-polymer 5-METHOXYBENZIMIDAZOLE
4 water water
#
_entity_poly.entity_id   1
_entity_poly.type   'polypeptide(L)'
_entity_poly.pdbx_seq_one_letter_code
;MQTLHALLRDIPAPDAEAMARTQQHIDGLLKPPGSLGRLETLAVQLAGMPGLNGTPQVGEKAVLVMCADHGVWDEGVAVS
PKIVTAIQAANMTRGTTGVCVLAAQAGAKVHVIDVGIDAEPIPGVVNMRVARGCGNIAVGPAMSRLQAEALLLEVSRYTC
DLAQRGVTLFGVGELGMANTTPAAAMVSVFTGSDAKEVVGIGANLPPSRIDNKVDVVRRAIAINQPNPRDGIDVLSKVGG
FDLVGMTGVMLGAARCGLPVLLDGFLSYSAALAACQIAPAVRPYLIPSHFSAEKGARIALAHLSMEPYLHMAMRLGEGSG
AALAMPIVEAACAMFHNMGELAASNIVLPEGNANAT
;
_entity_poly.pdbx_strand_id   A
#
# COMPACT_ATOMS: atom_id res chain seq x y z
N LEU A 4 -9.30 -18.63 -2.75
CA LEU A 4 -9.39 -17.19 -2.99
C LEU A 4 -10.77 -16.63 -2.68
N HIS A 5 -11.80 -17.26 -3.22
CA HIS A 5 -13.14 -16.81 -2.91
C HIS A 5 -13.32 -16.99 -1.41
N ALA A 6 -12.67 -18.03 -0.89
CA ALA A 6 -12.66 -18.35 0.52
C ALA A 6 -12.06 -17.19 1.28
N LEU A 7 -10.78 -16.98 0.98
CA LEU A 7 -10.04 -15.90 1.56
C LEU A 7 -10.93 -14.67 1.68
N LEU A 8 -11.34 -14.20 0.53
CA LEU A 8 -12.17 -13.03 0.38
C LEU A 8 -13.43 -13.04 1.22
N ARG A 9 -14.05 -14.19 1.30
CA ARG A 9 -15.27 -14.29 2.05
C ARG A 9 -15.02 -14.11 3.54
N ASP A 10 -13.90 -14.71 3.98
CA ASP A 10 -13.51 -14.69 5.37
C ASP A 10 -12.93 -13.39 5.93
N ILE A 11 -12.98 -12.29 5.18
CA ILE A 11 -12.46 -11.04 5.71
C ILE A 11 -13.43 -10.52 6.77
N PRO A 12 -12.94 -10.40 8.01
CA PRO A 12 -13.76 -9.97 9.13
C PRO A 12 -14.19 -8.53 9.09
N ALA A 13 -15.37 -8.30 9.59
CA ALA A 13 -15.88 -6.96 9.73
C ALA A 13 -15.27 -6.43 11.02
N PRO A 14 -15.17 -5.11 11.14
CA PRO A 14 -14.64 -4.50 12.34
C PRO A 14 -15.59 -4.68 13.53
N ASP A 15 -14.98 -4.74 14.71
CA ASP A 15 -15.68 -4.93 15.95
C ASP A 15 -16.24 -3.60 16.48
N ALA A 16 -17.49 -3.33 16.15
CA ALA A 16 -18.16 -2.11 16.58
C ALA A 16 -18.21 -1.96 18.10
N GLU A 17 -18.31 -3.09 18.78
CA GLU A 17 -18.40 -3.11 20.22
C GLU A 17 -17.12 -2.56 20.85
N ALA A 18 -15.98 -3.06 20.35
CA ALA A 18 -14.67 -2.60 20.78
C ALA A 18 -14.55 -1.11 20.49
N MET A 19 -14.99 -0.70 19.29
CA MET A 19 -14.94 0.70 18.89
C MET A 19 -15.71 1.61 19.83
N ALA A 20 -16.91 1.17 20.24
CA ALA A 20 -17.71 1.99 21.13
C ALA A 20 -17.01 2.14 22.47
N ARG A 21 -16.36 1.08 22.92
CA ARG A 21 -15.66 1.20 24.18
C ARG A 21 -14.45 2.14 24.08
N THR A 22 -13.83 2.13 22.91
CA THR A 22 -12.66 2.94 22.70
C THR A 22 -13.00 4.41 22.76
N GLN A 23 -14.06 4.75 22.06
CA GLN A 23 -14.51 6.11 21.96
C GLN A 23 -14.81 6.65 23.34
N GLN A 24 -15.55 5.84 24.09
CA GLN A 24 -15.94 6.19 25.43
C GLN A 24 -14.71 6.53 26.25
N HIS A 25 -13.74 5.63 26.20
CA HIS A 25 -12.48 5.80 26.92
C HIS A 25 -11.74 7.05 26.47
N ILE A 26 -11.74 7.26 25.17
CA ILE A 26 -11.05 8.40 24.63
C ILE A 26 -11.67 9.68 25.16
N ASP A 27 -12.99 9.72 25.14
CA ASP A 27 -13.72 10.89 25.58
C ASP A 27 -13.43 11.27 27.01
N GLY A 28 -12.98 10.32 27.82
CA GLY A 28 -12.72 10.66 29.21
C GLY A 28 -11.29 11.05 29.55
N LEU A 29 -10.45 11.10 28.54
CA LEU A 29 -9.07 11.42 28.81
C LEU A 29 -8.86 12.87 29.19
N LEU A 30 -7.70 13.15 29.79
CA LEU A 30 -7.28 14.46 30.25
C LEU A 30 -7.23 15.54 29.16
N LYS A 31 -8.37 15.87 28.61
CA LYS A 31 -8.38 16.86 27.55
C LYS A 31 -9.78 17.15 27.10
N PRO A 32 -9.89 18.26 26.38
CA PRO A 32 -11.14 18.65 25.81
C PRO A 32 -11.53 17.61 24.77
N PRO A 33 -12.74 17.10 24.91
CA PRO A 33 -13.18 16.09 24.00
C PRO A 33 -12.99 16.46 22.54
N GLY A 34 -12.43 15.47 21.83
CA GLY A 34 -12.18 15.55 20.40
C GLY A 34 -11.01 16.45 20.03
N SER A 35 -10.37 17.03 21.05
CA SER A 35 -9.24 17.92 20.85
C SER A 35 -8.06 17.29 20.15
N LEU A 36 -7.98 15.95 20.18
CA LEU A 36 -6.85 15.26 19.55
C LEU A 36 -7.08 14.82 18.11
N GLY A 37 -8.17 15.30 17.54
CA GLY A 37 -8.56 15.06 16.15
C GLY A 37 -8.40 13.66 15.58
N ARG A 38 -7.64 13.59 14.48
CA ARG A 38 -7.36 12.36 13.76
C ARG A 38 -6.64 11.28 14.59
N LEU A 39 -5.98 11.72 15.64
CA LEU A 39 -5.30 10.79 16.50
C LEU A 39 -6.35 9.95 17.22
N GLU A 40 -7.48 10.58 17.52
CA GLU A 40 -8.59 9.90 18.20
C GLU A 40 -9.25 8.89 17.26
N THR A 41 -9.56 9.38 16.06
CA THR A 41 -10.16 8.58 15.02
C THR A 41 -9.27 7.39 14.71
N LEU A 42 -8.00 7.68 14.51
CA LEU A 42 -7.07 6.61 14.25
C LEU A 42 -7.22 5.53 15.31
N ALA A 43 -7.11 5.94 16.58
CA ALA A 43 -7.24 4.98 17.67
C ALA A 43 -8.53 4.16 17.65
N VAL A 44 -9.63 4.80 17.29
CA VAL A 44 -10.87 4.07 17.29
C VAL A 44 -10.82 3.06 16.15
N GLN A 45 -10.25 3.49 15.04
CA GLN A 45 -10.12 2.62 13.89
C GLN A 45 -9.37 1.35 14.25
N LEU A 46 -8.28 1.53 15.00
CA LEU A 46 -7.47 0.38 15.41
C LEU A 46 -8.24 -0.56 16.32
N ALA A 47 -9.02 0.00 17.22
CA ALA A 47 -9.77 -0.82 18.15
C ALA A 47 -10.75 -1.76 17.46
N GLY A 48 -11.19 -1.36 16.27
CA GLY A 48 -12.16 -2.15 15.53
C GLY A 48 -11.57 -3.35 14.80
N MET A 49 -10.24 -3.39 14.69
CA MET A 49 -9.52 -4.47 14.02
C MET A 49 -9.36 -5.72 14.91
N PRO A 50 -9.97 -6.81 14.47
CA PRO A 50 -9.98 -8.05 15.21
C PRO A 50 -8.66 -8.65 15.62
N GLY A 51 -7.66 -8.52 14.76
CA GLY A 51 -6.35 -9.02 15.09
C GLY A 51 -5.67 -8.21 16.19
N LEU A 52 -6.29 -7.08 16.57
CA LEU A 52 -5.74 -6.18 17.58
C LEU A 52 -6.26 -6.42 18.98
N ASN A 53 -7.12 -7.40 19.13
CA ASN A 53 -7.55 -7.72 20.47
C ASN A 53 -8.29 -6.62 21.26
N GLY A 54 -9.25 -6.02 20.59
CA GLY A 54 -10.15 -5.02 21.14
C GLY A 54 -9.51 -3.74 21.61
N THR A 55 -8.25 -3.50 21.24
CA THR A 55 -7.61 -2.28 21.71
C THR A 55 -6.59 -1.76 20.71
N PRO A 56 -6.33 -0.45 20.74
CA PRO A 56 -5.33 0.10 19.85
C PRO A 56 -4.00 -0.34 20.41
N GLN A 57 -3.28 -1.14 19.66
CA GLN A 57 -1.99 -1.65 20.11
C GLN A 57 -1.13 -1.96 18.92
N VAL A 58 0.17 -1.84 19.12
CA VAL A 58 1.13 -2.14 18.08
C VAL A 58 2.21 -3.05 18.63
N GLY A 59 2.30 -4.26 18.08
CA GLY A 59 3.30 -5.24 18.46
C GLY A 59 4.52 -5.08 17.56
N GLU A 60 4.80 -6.07 16.72
CA GLU A 60 5.92 -5.93 15.80
C GLU A 60 5.43 -5.30 14.52
N LYS A 61 6.34 -4.66 13.82
CA LYS A 61 6.07 -3.94 12.60
C LYS A 61 6.93 -4.42 11.42
N ALA A 62 6.29 -4.58 10.28
CA ALA A 62 7.00 -5.01 9.10
C ALA A 62 6.60 -4.20 7.88
N VAL A 63 7.58 -3.98 7.01
CA VAL A 63 7.38 -3.33 5.73
C VAL A 63 7.68 -4.33 4.64
N LEU A 64 6.68 -4.59 3.82
CA LEU A 64 6.83 -5.53 2.69
C LEU A 64 7.07 -4.84 1.37
N VAL A 65 8.22 -5.11 0.75
CA VAL A 65 8.56 -4.51 -0.51
C VAL A 65 8.51 -5.48 -1.68
N MET A 66 7.57 -5.23 -2.58
CA MET A 66 7.35 -6.03 -3.76
C MET A 66 8.15 -5.48 -4.94
N CYS A 67 9.09 -6.30 -5.41
CA CYS A 67 9.95 -5.90 -6.50
C CYS A 67 9.68 -6.68 -7.75
N ALA A 68 9.61 -5.96 -8.85
CA ALA A 68 9.35 -6.58 -10.12
C ALA A 68 9.66 -5.61 -11.24
N ASP A 69 10.04 -6.18 -12.39
CA ASP A 69 10.35 -5.45 -13.60
C ASP A 69 9.13 -5.44 -14.52
N HIS A 70 9.09 -4.48 -15.43
CA HIS A 70 7.95 -4.35 -16.31
C HIS A 70 8.37 -4.25 -17.78
N GLY A 71 7.66 -4.98 -18.62
CA GLY A 71 7.97 -4.95 -20.03
C GLY A 71 7.84 -3.54 -20.60
N VAL A 72 6.84 -2.81 -20.12
CA VAL A 72 6.60 -1.46 -20.60
C VAL A 72 7.81 -0.53 -20.57
N TRP A 73 8.85 -0.96 -19.88
CA TRP A 73 10.06 -0.17 -19.80
C TRP A 73 10.60 0.13 -21.19
N ASP A 74 10.39 -0.80 -22.13
CA ASP A 74 10.88 -0.64 -23.49
C ASP A 74 10.20 0.45 -24.31
N GLU A 75 9.13 1.02 -23.77
CA GLU A 75 8.36 2.06 -24.43
C GLU A 75 8.90 3.46 -24.12
N GLY A 76 10.07 3.50 -23.51
CA GLY A 76 10.72 4.76 -23.16
C GLY A 76 10.04 5.60 -22.10
N VAL A 77 9.30 4.94 -21.20
CA VAL A 77 8.58 5.63 -20.16
C VAL A 77 9.39 5.90 -18.89
N ALA A 78 10.55 5.23 -18.74
CA ALA A 78 11.39 5.39 -17.53
C ALA A 78 12.88 5.66 -17.77
N VAL A 79 13.36 6.74 -17.19
CA VAL A 79 14.75 7.12 -17.34
C VAL A 79 15.73 6.37 -16.42
N SER A 80 15.24 5.64 -15.44
CA SER A 80 16.17 4.85 -14.63
C SER A 80 16.50 3.62 -15.47
N PRO A 81 17.75 3.16 -15.45
CA PRO A 81 18.12 1.96 -16.19
C PRO A 81 17.44 0.75 -15.53
N LYS A 82 16.95 -0.13 -16.36
CA LYS A 82 16.21 -1.31 -15.91
C LYS A 82 16.81 -2.06 -14.73
N ILE A 83 18.12 -2.24 -14.79
CA ILE A 83 18.91 -2.96 -13.80
C ILE A 83 18.83 -2.39 -12.40
N VAL A 84 18.37 -1.15 -12.27
CA VAL A 84 18.26 -0.58 -10.95
C VAL A 84 17.35 -1.41 -10.02
N THR A 85 16.32 -2.04 -10.58
CA THR A 85 15.44 -2.85 -9.74
C THR A 85 16.25 -3.89 -8.99
N ALA A 86 17.05 -4.61 -9.74
CA ALA A 86 17.90 -5.67 -9.22
C ALA A 86 18.94 -5.15 -8.24
N ILE A 87 19.58 -4.06 -8.62
CA ILE A 87 20.60 -3.43 -7.78
C ILE A 87 20.03 -2.99 -6.42
N GLN A 88 18.99 -2.14 -6.52
CA GLN A 88 18.29 -1.59 -5.38
C GLN A 88 17.74 -2.70 -4.50
N ALA A 89 17.25 -3.74 -5.15
CA ALA A 89 16.69 -4.87 -4.40
C ALA A 89 17.76 -5.47 -3.50
N ALA A 90 18.94 -5.58 -4.08
CA ALA A 90 20.08 -6.10 -3.37
C ALA A 90 20.43 -5.16 -2.21
N ASN A 91 20.36 -3.86 -2.49
CA ASN A 91 20.64 -2.88 -1.46
C ASN A 91 19.68 -2.98 -0.28
N MET A 92 18.45 -3.34 -0.58
CA MET A 92 17.44 -3.52 0.45
C MET A 92 17.96 -4.50 1.49
N THR A 93 18.71 -5.49 1.00
CA THR A 93 19.28 -6.50 1.88
C THR A 93 20.42 -5.97 2.74
N ARG A 94 20.91 -4.77 2.43
CA ARG A 94 22.01 -4.22 3.19
C ARG A 94 21.62 -3.09 4.12
N GLY A 95 20.36 -2.70 4.06
CA GLY A 95 19.86 -1.65 4.93
C GLY A 95 20.36 -0.26 4.58
N THR A 96 20.66 -0.04 3.29
CA THR A 96 21.15 1.26 2.82
C THR A 96 20.14 2.08 2.04
N THR A 97 18.96 1.51 1.77
CA THR A 97 17.94 2.22 1.00
C THR A 97 17.14 3.17 1.86
N GLY A 98 16.33 4.00 1.19
CA GLY A 98 15.49 4.94 1.91
C GLY A 98 14.52 4.23 2.87
N VAL A 99 13.85 3.13 2.43
CA VAL A 99 12.91 2.42 3.29
C VAL A 99 13.59 1.82 4.51
N CYS A 100 14.74 1.23 4.25
CA CYS A 100 15.55 0.59 5.24
C CYS A 100 15.86 1.53 6.39
N VAL A 101 16.37 2.70 6.01
CA VAL A 101 16.74 3.75 6.96
C VAL A 101 15.55 4.22 7.77
N LEU A 102 14.45 4.46 7.08
CA LEU A 102 13.23 4.91 7.72
C LEU A 102 12.61 3.85 8.60
N ALA A 103 12.60 2.58 8.12
CA ALA A 103 12.04 1.48 8.89
C ALA A 103 12.80 1.29 10.18
N ALA A 104 14.13 1.25 10.07
CA ALA A 104 15.00 1.09 11.24
C ALA A 104 14.68 2.15 12.27
N GLN A 105 14.46 3.37 11.79
CA GLN A 105 14.13 4.46 12.66
C GLN A 105 12.80 4.19 13.34
N ALA A 106 11.88 3.51 12.63
CA ALA A 106 10.56 3.15 13.17
C ALA A 106 10.55 1.82 13.92
N GLY A 107 11.69 1.15 13.96
CA GLY A 107 11.78 -0.14 14.62
C GLY A 107 11.04 -1.24 13.87
N ALA A 108 10.84 -1.01 12.58
CA ALA A 108 10.16 -1.96 11.74
C ALA A 108 11.12 -2.84 10.97
N LYS A 109 10.65 -3.99 10.56
CA LYS A 109 11.48 -4.86 9.78
C LYS A 109 11.00 -4.86 8.34
N VAL A 110 11.97 -4.76 7.43
CA VAL A 110 11.74 -4.75 6.00
C VAL A 110 11.85 -6.13 5.39
N HIS A 111 10.85 -6.50 4.62
CA HIS A 111 10.84 -7.77 3.93
C HIS A 111 10.85 -7.51 2.42
N VAL A 112 11.92 -7.93 1.77
CA VAL A 112 12.09 -7.78 0.34
C VAL A 112 11.60 -9.03 -0.35
N ILE A 113 10.65 -8.84 -1.23
CA ILE A 113 10.07 -9.93 -1.96
C ILE A 113 10.20 -9.71 -3.46
N ASP A 114 10.79 -10.71 -4.10
CA ASP A 114 10.97 -10.73 -5.54
C ASP A 114 9.78 -11.43 -6.16
N VAL A 115 8.93 -10.65 -6.83
CA VAL A 115 7.76 -11.20 -7.50
C VAL A 115 7.89 -11.20 -9.05
N GLY A 116 8.99 -10.67 -9.56
CA GLY A 116 9.16 -10.64 -10.99
C GLY A 116 10.32 -9.83 -11.52
N ILE A 117 11.45 -9.88 -10.83
CA ILE A 117 12.62 -9.13 -11.26
C ILE A 117 13.28 -9.76 -12.50
N ASP A 118 13.65 -8.95 -13.49
CA ASP A 118 14.29 -9.46 -14.68
C ASP A 118 15.80 -9.55 -14.47
N ALA A 119 16.19 -10.52 -13.65
CA ALA A 119 17.58 -10.74 -13.30
C ALA A 119 17.73 -12.05 -12.58
N GLU A 120 18.97 -12.45 -12.33
CA GLU A 120 19.19 -13.68 -11.60
C GLU A 120 18.71 -13.48 -10.17
N PRO A 121 18.27 -14.53 -9.52
CA PRO A 121 17.82 -14.41 -8.16
C PRO A 121 18.86 -13.74 -7.26
N ILE A 122 18.36 -13.04 -6.26
CA ILE A 122 19.18 -12.33 -5.30
C ILE A 122 19.06 -12.98 -3.96
N PRO A 123 20.17 -13.48 -3.47
CA PRO A 123 20.14 -14.12 -2.19
C PRO A 123 19.67 -13.16 -1.11
N GLY A 124 18.92 -13.67 -0.16
CA GLY A 124 18.48 -12.79 0.91
C GLY A 124 17.11 -12.21 0.65
N VAL A 125 16.73 -12.27 -0.62
CA VAL A 125 15.44 -11.77 -1.07
C VAL A 125 14.43 -12.91 -1.09
N VAL A 126 13.23 -12.66 -0.58
CA VAL A 126 12.25 -13.72 -0.64
C VAL A 126 11.81 -13.97 -2.08
N ASN A 127 11.89 -15.22 -2.47
CA ASN A 127 11.57 -15.60 -3.81
C ASN A 127 10.15 -16.03 -4.06
N MET A 128 9.40 -15.17 -4.76
CA MET A 128 8.04 -15.47 -5.15
C MET A 128 7.89 -15.07 -6.62
N ARG A 129 9.03 -15.12 -7.32
CA ARG A 129 9.10 -14.71 -8.69
C ARG A 129 8.17 -15.39 -9.69
N VAL A 130 7.31 -14.60 -10.32
CA VAL A 130 6.37 -15.14 -11.28
C VAL A 130 7.00 -15.38 -12.61
N ALA A 131 7.78 -14.39 -13.02
CA ALA A 131 8.53 -14.42 -14.27
C ALA A 131 9.58 -13.34 -14.22
N ARG A 132 10.44 -13.33 -15.22
CA ARG A 132 11.50 -12.34 -15.32
C ARG A 132 10.92 -11.08 -15.95
N GLY A 133 10.15 -10.34 -15.16
CA GLY A 133 9.47 -9.13 -15.64
C GLY A 133 8.08 -9.50 -16.20
N CYS A 134 7.14 -8.54 -16.20
CA CYS A 134 5.80 -8.79 -16.71
C CYS A 134 5.72 -8.41 -18.19
N GLY A 135 4.62 -8.77 -18.85
CA GLY A 135 4.46 -8.41 -20.25
C GLY A 135 4.30 -6.89 -20.39
N ASN A 136 4.60 -6.41 -21.60
CA ASN A 136 4.50 -5.00 -21.95
C ASN A 136 3.05 -4.65 -22.18
N ILE A 137 2.50 -3.90 -21.25
CA ILE A 137 1.10 -3.53 -21.28
C ILE A 137 0.69 -2.70 -22.48
N ALA A 138 1.66 -2.09 -23.14
CA ALA A 138 1.36 -1.27 -24.32
C ALA A 138 0.87 -2.11 -25.49
N VAL A 139 1.25 -3.39 -25.51
CA VAL A 139 0.88 -4.24 -26.63
C VAL A 139 0.13 -5.51 -26.22
N GLY A 140 -0.15 -5.62 -24.94
CA GLY A 140 -0.85 -6.80 -24.45
C GLY A 140 -0.93 -6.77 -22.95
N PRO A 141 -1.52 -7.83 -22.38
CA PRO A 141 -1.67 -7.95 -20.94
C PRO A 141 -0.33 -8.17 -20.24
N ALA A 142 -0.27 -7.73 -18.98
CA ALA A 142 0.92 -7.90 -18.15
C ALA A 142 1.16 -9.37 -17.81
N MET A 143 0.06 -10.11 -17.69
CA MET A 143 0.14 -11.50 -17.30
C MET A 143 -1.21 -12.13 -17.45
N SER A 144 -1.29 -13.41 -17.05
CA SER A 144 -2.55 -14.15 -17.10
C SER A 144 -3.35 -13.99 -15.82
N ARG A 145 -4.65 -14.15 -15.95
CA ARG A 145 -5.52 -14.06 -14.80
C ARG A 145 -5.07 -15.04 -13.71
N LEU A 146 -4.80 -16.27 -14.13
CA LEU A 146 -4.33 -17.31 -13.23
C LEU A 146 -3.13 -16.86 -12.46
N GLN A 147 -2.15 -16.32 -13.22
CA GLN A 147 -0.92 -15.82 -12.64
C GLN A 147 -1.18 -14.77 -11.58
N ALA A 148 -2.19 -13.95 -11.84
CA ALA A 148 -2.54 -12.91 -10.88
C ALA A 148 -3.15 -13.48 -9.60
N GLU A 149 -4.18 -14.30 -9.78
CA GLU A 149 -4.86 -14.91 -8.64
C GLU A 149 -3.88 -15.68 -7.75
N ALA A 150 -2.96 -16.40 -8.40
CA ALA A 150 -1.98 -17.18 -7.68
C ALA A 150 -1.09 -16.32 -6.80
N LEU A 151 -0.52 -15.27 -7.37
CA LEU A 151 0.32 -14.38 -6.58
C LEU A 151 -0.50 -13.77 -5.43
N LEU A 152 -1.77 -13.41 -5.73
CA LEU A 152 -2.66 -12.87 -4.72
C LEU A 152 -2.70 -13.79 -3.52
N LEU A 153 -2.91 -15.07 -3.82
CA LEU A 153 -2.98 -16.13 -2.83
C LEU A 153 -1.70 -16.27 -2.03
N GLU A 154 -0.62 -16.42 -2.76
CA GLU A 154 0.68 -16.58 -2.16
C GLU A 154 1.11 -15.41 -1.29
N VAL A 155 0.92 -14.19 -1.78
CA VAL A 155 1.33 -13.03 -0.98
C VAL A 155 0.46 -12.89 0.28
N SER A 156 -0.85 -13.10 0.08
CA SER A 156 -1.87 -13.07 1.12
C SER A 156 -1.45 -13.90 2.32
N ARG A 157 -1.21 -15.17 2.01
CA ARG A 157 -0.81 -16.17 2.98
C ARG A 157 0.44 -15.74 3.73
N TYR A 158 1.48 -15.44 2.97
CA TYR A 158 2.73 -15.00 3.56
C TYR A 158 2.49 -13.87 4.56
N THR A 159 1.63 -12.97 4.16
CA THR A 159 1.29 -11.83 4.96
C THR A 159 0.69 -12.18 6.30
N CYS A 160 -0.36 -12.99 6.25
CA CYS A 160 -1.10 -13.43 7.42
C CYS A 160 -0.23 -14.32 8.32
N ASP A 161 0.68 -15.07 7.67
CA ASP A 161 1.63 -15.93 8.36
C ASP A 161 2.56 -15.13 9.26
N LEU A 162 2.93 -13.91 8.84
CA LEU A 162 3.78 -13.03 9.65
C LEU A 162 3.02 -12.70 10.91
N ALA A 163 1.70 -12.54 10.75
CA ALA A 163 0.84 -12.24 11.88
C ALA A 163 1.14 -13.17 13.03
N GLN A 164 1.39 -14.42 12.69
CA GLN A 164 1.68 -15.39 13.72
C GLN A 164 2.98 -15.08 14.44
N ARG A 165 3.94 -14.55 13.72
CA ARG A 165 5.23 -14.21 14.31
C ARG A 165 5.18 -12.96 15.21
N GLY A 166 4.00 -12.44 15.45
CA GLY A 166 3.90 -11.25 16.28
C GLY A 166 3.81 -9.93 15.52
N VAL A 167 3.61 -9.96 14.21
CA VAL A 167 3.47 -8.71 13.50
C VAL A 167 2.04 -8.20 13.65
N THR A 168 1.88 -6.91 13.97
CA THR A 168 0.51 -6.38 14.10
C THR A 168 0.22 -5.23 13.16
N LEU A 169 1.30 -4.72 12.57
CA LEU A 169 1.26 -3.55 11.72
C LEU A 169 2.08 -3.75 10.45
N PHE A 170 1.41 -3.60 9.33
CA PHE A 170 2.07 -3.78 8.06
C PHE A 170 2.21 -2.46 7.33
N GLY A 171 3.25 -2.40 6.56
CA GLY A 171 3.51 -1.26 5.72
C GLY A 171 3.74 -1.88 4.37
N VAL A 172 3.25 -1.27 3.32
CA VAL A 172 3.43 -1.86 2.01
C VAL A 172 4.30 -0.99 1.07
N GLY A 173 5.12 -1.63 0.25
CA GLY A 173 5.98 -0.86 -0.64
C GLY A 173 6.33 -1.61 -1.91
N GLU A 174 6.98 -0.92 -2.83
CA GLU A 174 7.36 -1.54 -4.08
C GLU A 174 8.69 -1.04 -4.59
N LEU A 175 9.17 -1.75 -5.61
CA LEU A 175 10.42 -1.48 -6.27
C LEU A 175 10.37 -2.08 -7.68
N GLY A 176 10.36 -1.22 -8.69
CA GLY A 176 10.33 -1.69 -10.07
C GLY A 176 10.39 -0.50 -11.02
N MET A 177 11.48 -0.40 -11.79
CA MET A 177 11.63 0.69 -12.74
C MET A 177 10.46 0.72 -13.71
N ALA A 178 9.94 1.92 -13.94
CA ALA A 178 8.83 2.16 -14.87
C ALA A 178 7.45 1.83 -14.30
N ASN A 179 7.38 1.60 -12.99
CA ASN A 179 6.10 1.24 -12.38
C ASN A 179 5.01 2.30 -12.26
N THR A 180 5.37 3.57 -12.35
CA THR A 180 4.34 4.61 -12.28
C THR A 180 3.45 4.64 -13.51
N THR A 181 3.87 3.88 -14.53
CA THR A 181 3.10 3.80 -15.75
C THR A 181 1.88 2.87 -15.59
N PRO A 182 2.12 1.61 -15.22
CA PRO A 182 0.97 0.74 -15.03
C PRO A 182 0.06 1.33 -13.96
N ALA A 183 0.69 1.99 -12.98
CA ALA A 183 -0.04 2.63 -11.90
C ALA A 183 -0.99 3.67 -12.45
N ALA A 184 -0.50 4.47 -13.38
CA ALA A 184 -1.35 5.49 -13.96
C ALA A 184 -2.51 4.83 -14.71
N ALA A 185 -2.20 3.74 -15.40
CA ALA A 185 -3.22 3.05 -16.17
C ALA A 185 -4.35 2.57 -15.28
N MET A 186 -3.99 1.95 -14.16
CA MET A 186 -4.99 1.44 -13.23
C MET A 186 -5.85 2.58 -12.68
N VAL A 187 -5.20 3.65 -12.25
CA VAL A 187 -5.93 4.76 -11.69
C VAL A 187 -6.95 5.28 -12.69
N SER A 188 -6.47 5.52 -13.89
CA SER A 188 -7.32 5.99 -14.96
C SER A 188 -8.54 5.09 -15.10
N VAL A 189 -8.29 3.79 -15.19
CA VAL A 189 -9.36 2.84 -15.34
C VAL A 189 -10.36 2.78 -14.19
N PHE A 190 -9.88 2.66 -12.97
CA PHE A 190 -10.77 2.56 -11.85
C PHE A 190 -11.53 3.85 -11.57
N THR A 191 -10.87 4.93 -11.91
CA THR A 191 -11.32 6.26 -11.64
C THR A 191 -12.10 6.95 -12.74
N GLY A 192 -11.90 6.52 -13.98
CA GLY A 192 -12.59 7.13 -15.10
C GLY A 192 -12.02 8.48 -15.47
N SER A 193 -10.76 8.71 -15.08
CA SER A 193 -10.05 9.95 -15.38
C SER A 193 -9.23 9.77 -16.63
N ASP A 194 -9.02 10.84 -17.37
CA ASP A 194 -8.20 10.71 -18.54
C ASP A 194 -6.72 10.62 -18.15
N ALA A 195 -5.96 9.86 -18.92
CA ALA A 195 -4.56 9.67 -18.68
C ALA A 195 -3.78 10.92 -18.42
N LYS A 196 -4.10 12.00 -19.11
CA LYS A 196 -3.33 13.20 -18.90
C LYS A 196 -3.38 13.61 -17.45
N GLU A 197 -4.54 13.44 -16.87
CA GLU A 197 -4.79 13.79 -15.48
C GLU A 197 -4.01 12.96 -14.45
N VAL A 198 -3.73 11.73 -14.75
CA VAL A 198 -3.09 10.84 -13.80
C VAL A 198 -1.63 10.52 -14.04
N VAL A 199 -1.15 10.84 -15.23
CA VAL A 199 0.25 10.55 -15.53
C VAL A 199 1.23 11.55 -14.93
N GLY A 200 2.18 11.04 -14.12
CA GLY A 200 3.19 11.85 -13.47
C GLY A 200 4.61 11.71 -14.03
N ILE A 201 5.56 12.44 -13.42
CA ILE A 201 6.95 12.43 -13.85
C ILE A 201 7.73 11.22 -13.34
N GLY A 202 7.10 10.43 -12.47
CA GLY A 202 7.78 9.26 -11.93
C GLY A 202 9.17 9.61 -11.37
N ALA A 203 10.17 8.80 -11.65
CA ALA A 203 11.48 9.11 -11.13
C ALA A 203 12.18 10.12 -12.02
N ASN A 204 11.80 11.38 -11.87
CA ASN A 204 12.40 12.43 -12.65
C ASN A 204 12.32 12.23 -14.16
N LEU A 205 11.13 12.00 -14.68
CA LEU A 205 11.00 11.86 -16.11
C LEU A 205 10.97 13.26 -16.73
N PRO A 206 11.84 13.53 -17.70
CA PRO A 206 11.86 14.83 -18.33
C PRO A 206 10.54 15.20 -18.94
N PRO A 207 10.19 16.48 -18.72
CA PRO A 207 8.93 17.05 -19.15
C PRO A 207 8.61 16.80 -20.63
N SER A 208 9.65 16.75 -21.43
CA SER A 208 9.47 16.49 -22.83
C SER A 208 8.95 15.10 -23.09
N ARG A 209 9.35 14.15 -22.24
CA ARG A 209 8.97 12.77 -22.40
C ARG A 209 7.59 12.40 -21.85
N ILE A 210 6.91 13.37 -21.27
CA ILE A 210 5.59 13.11 -20.71
C ILE A 210 4.63 12.60 -21.77
N ASP A 211 4.49 13.41 -22.80
CA ASP A 211 3.60 13.11 -23.91
C ASP A 211 3.64 11.63 -24.29
N ASN A 212 4.83 11.11 -24.46
CA ASN A 212 4.92 9.71 -24.82
C ASN A 212 4.33 8.80 -23.73
N LYS A 213 4.62 9.10 -22.47
CA LYS A 213 4.09 8.30 -21.38
C LYS A 213 2.56 8.19 -21.43
N VAL A 214 1.90 9.31 -21.73
CA VAL A 214 0.43 9.34 -21.80
C VAL A 214 -0.09 8.47 -22.93
N ASP A 215 0.58 8.55 -24.08
CA ASP A 215 0.18 7.76 -25.23
C ASP A 215 0.25 6.26 -24.90
N VAL A 216 1.35 5.90 -24.25
CA VAL A 216 1.58 4.54 -23.81
C VAL A 216 0.43 4.05 -22.95
N VAL A 217 0.04 4.88 -21.98
CA VAL A 217 -1.05 4.58 -21.07
C VAL A 217 -2.36 4.38 -21.81
N ARG A 218 -2.70 5.36 -22.65
CA ARG A 218 -3.92 5.27 -23.44
C ARG A 218 -3.94 3.99 -24.25
N ARG A 219 -2.78 3.66 -24.80
CA ARG A 219 -2.67 2.47 -25.60
C ARG A 219 -2.95 1.20 -24.79
N ALA A 220 -2.31 1.10 -23.63
CA ALA A 220 -2.46 -0.06 -22.77
C ALA A 220 -3.92 -0.37 -22.54
N ILE A 221 -4.61 0.70 -22.32
CA ILE A 221 -6.02 0.67 -22.06
C ILE A 221 -6.86 0.19 -23.24
N ALA A 222 -6.73 0.87 -24.36
CA ALA A 222 -7.48 0.56 -25.56
C ALA A 222 -7.23 -0.87 -26.00
N ILE A 223 -5.96 -1.25 -26.02
CA ILE A 223 -5.60 -2.57 -26.44
C ILE A 223 -6.12 -3.68 -25.54
N ASN A 224 -6.02 -3.48 -24.22
CA ASN A 224 -6.44 -4.49 -23.25
C ASN A 224 -7.89 -4.48 -22.84
N GLN A 225 -8.55 -3.31 -22.89
CA GLN A 225 -9.96 -3.27 -22.51
C GLN A 225 -10.22 -3.89 -21.16
N PRO A 226 -9.48 -3.43 -20.17
CA PRO A 226 -9.62 -3.91 -18.83
C PRO A 226 -10.97 -3.50 -18.29
N ASN A 227 -11.62 -4.40 -17.56
CA ASN A 227 -12.92 -4.10 -16.99
C ASN A 227 -12.81 -3.51 -15.57
N PRO A 228 -13.24 -2.26 -15.44
CA PRO A 228 -13.16 -1.52 -14.18
C PRO A 228 -13.96 -2.15 -13.04
N ARG A 229 -14.95 -2.95 -13.37
CA ARG A 229 -15.71 -3.52 -12.31
C ARG A 229 -15.07 -4.84 -11.86
N ASP A 230 -13.93 -5.15 -12.44
CA ASP A 230 -13.21 -6.37 -12.11
C ASP A 230 -11.74 -6.08 -11.87
N GLY A 231 -11.39 -5.88 -10.59
CA GLY A 231 -10.06 -5.56 -10.12
C GLY A 231 -9.02 -6.57 -10.53
N ILE A 232 -9.37 -7.86 -10.47
CA ILE A 232 -8.42 -8.86 -10.88
C ILE A 232 -8.15 -8.71 -12.36
N ASP A 233 -9.19 -8.39 -13.11
CA ASP A 233 -9.05 -8.18 -14.55
C ASP A 233 -8.10 -7.02 -14.83
N VAL A 234 -8.36 -5.91 -14.16
CA VAL A 234 -7.55 -4.75 -14.34
C VAL A 234 -6.09 -5.00 -14.03
N LEU A 235 -5.83 -5.58 -12.85
CA LEU A 235 -4.49 -5.88 -12.39
C LEU A 235 -3.67 -6.69 -13.39
N SER A 236 -4.29 -7.75 -13.87
CA SER A 236 -3.64 -8.66 -14.77
C SER A 236 -3.36 -8.10 -16.16
N LYS A 237 -4.25 -7.24 -16.61
CA LYS A 237 -4.14 -6.67 -17.92
C LYS A 237 -3.15 -5.54 -17.99
N VAL A 238 -3.39 -4.51 -17.19
CA VAL A 238 -2.51 -3.36 -17.22
C VAL A 238 -1.80 -3.07 -15.90
N GLY A 239 -1.73 -4.08 -15.04
CA GLY A 239 -1.01 -3.89 -13.79
C GLY A 239 0.43 -4.41 -13.93
N GLY A 240 0.91 -5.10 -12.88
CA GLY A 240 2.25 -5.66 -12.85
C GLY A 240 2.39 -6.61 -11.66
N PHE A 241 3.49 -7.37 -11.61
CA PHE A 241 3.69 -8.31 -10.52
C PHE A 241 3.69 -7.63 -9.18
N ASP A 242 4.39 -6.49 -9.14
CA ASP A 242 4.52 -5.69 -7.93
C ASP A 242 3.18 -5.10 -7.49
N LEU A 243 2.37 -4.66 -8.45
CA LEU A 243 1.06 -4.13 -8.12
C LEU A 243 0.24 -5.25 -7.48
N VAL A 244 0.28 -6.39 -8.14
CA VAL A 244 -0.43 -7.56 -7.66
C VAL A 244 -0.07 -7.87 -6.22
N GLY A 245 1.24 -8.00 -5.96
CA GLY A 245 1.77 -8.30 -4.63
C GLY A 245 1.31 -7.32 -3.54
N MET A 246 1.20 -6.03 -3.89
CA MET A 246 0.76 -5.02 -2.94
C MET A 246 -0.70 -5.26 -2.59
N THR A 247 -1.50 -5.49 -3.62
CA THR A 247 -2.89 -5.81 -3.40
C THR A 247 -3.00 -7.04 -2.47
N GLY A 248 -2.13 -8.03 -2.69
CA GLY A 248 -2.08 -9.26 -1.90
C GLY A 248 -1.81 -9.01 -0.43
N VAL A 249 -0.89 -8.10 -0.14
CA VAL A 249 -0.58 -7.78 1.24
C VAL A 249 -1.81 -7.22 1.93
N MET A 250 -2.47 -6.35 1.20
CA MET A 250 -3.69 -5.73 1.65
C MET A 250 -4.79 -6.74 1.92
N LEU A 251 -4.94 -7.72 1.04
CA LEU A 251 -5.99 -8.70 1.27
C LEU A 251 -5.67 -9.56 2.46
N GLY A 252 -4.37 -9.88 2.60
CA GLY A 252 -3.93 -10.74 3.70
C GLY A 252 -4.05 -10.09 5.07
N ALA A 253 -3.68 -8.82 5.14
CA ALA A 253 -3.76 -8.13 6.41
C ALA A 253 -5.19 -8.01 6.85
N ALA A 254 -6.07 -7.81 5.87
CA ALA A 254 -7.49 -7.68 6.14
C ALA A 254 -8.10 -8.99 6.61
N ARG A 255 -7.72 -10.07 5.94
CA ARG A 255 -8.20 -11.39 6.31
C ARG A 255 -7.75 -11.72 7.73
N CYS A 256 -6.53 -11.32 8.01
CA CYS A 256 -5.88 -11.53 9.28
C CYS A 256 -6.43 -10.57 10.35
N GLY A 257 -7.26 -9.60 9.93
CA GLY A 257 -7.83 -8.60 10.83
C GLY A 257 -6.85 -7.52 11.28
N LEU A 258 -5.83 -7.26 10.45
CA LEU A 258 -4.80 -6.29 10.78
C LEU A 258 -4.70 -5.09 9.86
N PRO A 259 -4.09 -4.04 10.41
CA PRO A 259 -3.92 -2.78 9.71
C PRO A 259 -2.73 -2.75 8.80
N VAL A 260 -2.97 -2.04 7.71
CA VAL A 260 -1.98 -1.85 6.68
C VAL A 260 -1.81 -0.40 6.38
N LEU A 261 -0.55 0.03 6.37
CA LEU A 261 -0.24 1.39 6.05
C LEU A 261 0.07 1.49 4.57
N LEU A 262 -0.61 2.41 3.90
CA LEU A 262 -0.30 2.62 2.50
C LEU A 262 0.94 3.50 2.36
N ASP A 263 1.47 3.57 1.15
CA ASP A 263 2.64 4.39 0.87
C ASP A 263 2.20 5.56 0.01
N GLY A 264 2.68 5.61 -1.24
CA GLY A 264 2.33 6.65 -2.19
C GLY A 264 1.41 6.19 -3.34
N PHE A 265 1.61 6.83 -4.49
CA PHE A 265 0.83 6.61 -5.71
C PHE A 265 0.69 5.16 -6.14
N LEU A 266 1.79 4.45 -6.23
CA LEU A 266 1.73 3.05 -6.60
C LEU A 266 0.79 2.33 -5.63
N SER A 267 1.01 2.54 -4.34
CA SER A 267 0.18 1.93 -3.33
C SER A 267 -1.28 2.31 -3.46
N TYR A 268 -1.58 3.57 -3.82
CA TYR A 268 -2.96 3.96 -4.02
C TYR A 268 -3.62 3.09 -5.08
N SER A 269 -2.87 2.86 -6.17
CA SER A 269 -3.35 2.03 -7.28
C SER A 269 -3.79 0.64 -6.84
N ALA A 270 -2.92 0.02 -6.05
CA ALA A 270 -3.14 -1.30 -5.53
C ALA A 270 -4.31 -1.33 -4.58
N ALA A 271 -4.51 -0.21 -3.86
CA ALA A 271 -5.61 -0.12 -2.91
C ALA A 271 -6.95 0.02 -3.63
N LEU A 272 -6.93 0.67 -4.77
CA LEU A 272 -8.15 0.81 -5.53
C LEU A 272 -8.61 -0.58 -5.98
N ALA A 273 -7.63 -1.37 -6.40
CA ALA A 273 -7.89 -2.72 -6.85
C ALA A 273 -8.38 -3.60 -5.72
N ALA A 274 -7.72 -3.54 -4.57
CA ALA A 274 -8.15 -4.36 -3.46
C ALA A 274 -9.56 -4.04 -3.00
N CYS A 275 -9.86 -2.75 -2.99
CA CYS A 275 -11.18 -2.30 -2.58
C CYS A 275 -12.21 -2.69 -3.59
N GLN A 276 -11.74 -2.75 -4.84
CA GLN A 276 -12.58 -3.15 -5.96
C GLN A 276 -12.92 -4.62 -5.85
N ILE A 277 -11.89 -5.39 -5.52
CA ILE A 277 -12.01 -6.82 -5.34
C ILE A 277 -12.72 -7.17 -4.05
N ALA A 278 -12.50 -6.38 -3.00
CA ALA A 278 -13.10 -6.66 -1.71
C ALA A 278 -13.23 -5.40 -0.87
N PRO A 279 -14.43 -4.81 -0.91
CA PRO A 279 -14.70 -3.60 -0.18
C PRO A 279 -14.41 -3.74 1.30
N ALA A 280 -14.61 -4.98 1.80
CA ALA A 280 -14.35 -5.30 3.19
C ALA A 280 -12.91 -4.97 3.57
N VAL A 281 -12.10 -4.69 2.57
CA VAL A 281 -10.71 -4.38 2.83
C VAL A 281 -10.45 -2.98 3.38
N ARG A 282 -11.32 -2.08 2.99
CA ARG A 282 -11.23 -0.67 3.27
C ARG A 282 -10.84 -0.24 4.68
N PRO A 283 -11.61 -0.73 5.63
CA PRO A 283 -11.45 -0.41 7.03
C PRO A 283 -10.09 -0.74 7.62
N TYR A 284 -9.29 -1.56 6.91
CA TYR A 284 -7.97 -1.95 7.41
C TYR A 284 -6.87 -1.05 6.89
N LEU A 285 -7.22 -0.27 5.89
CA LEU A 285 -6.28 0.61 5.24
C LEU A 285 -6.06 1.90 6.01
N ILE A 286 -4.82 2.33 6.04
CA ILE A 286 -4.45 3.55 6.73
C ILE A 286 -3.50 4.35 5.84
N PRO A 287 -3.93 5.54 5.43
CA PRO A 287 -3.12 6.38 4.58
C PRO A 287 -1.86 6.78 5.34
N SER A 288 -0.80 7.12 4.62
CA SER A 288 0.43 7.55 5.27
C SER A 288 0.69 9.00 4.89
N HIS A 289 1.26 9.16 3.71
CA HIS A 289 1.57 10.47 3.24
C HIS A 289 0.87 10.79 1.94
N PHE A 290 0.99 12.04 1.55
CA PHE A 290 0.38 12.51 0.34
C PHE A 290 1.44 12.66 -0.73
N SER A 291 1.53 11.64 -1.60
CA SER A 291 2.51 11.59 -2.68
C SER A 291 2.54 12.80 -3.62
N ALA A 292 3.75 13.18 -4.04
CA ALA A 292 3.97 14.27 -4.98
C ALA A 292 3.62 13.91 -6.42
N GLU A 293 3.26 12.66 -6.67
CA GLU A 293 2.86 12.22 -8.00
C GLU A 293 1.57 12.94 -8.40
N LYS A 294 1.51 13.35 -9.67
CA LYS A 294 0.36 14.06 -10.24
C LYS A 294 -1.02 13.43 -9.99
N GLY A 295 -1.17 12.11 -10.19
CA GLY A 295 -2.47 11.45 -10.00
C GLY A 295 -2.88 11.17 -8.53
N ALA A 296 -2.03 11.61 -7.58
CA ALA A 296 -2.28 11.40 -6.16
C ALA A 296 -3.67 11.85 -5.67
N ARG A 297 -4.01 13.12 -5.91
CA ARG A 297 -5.28 13.67 -5.47
C ARG A 297 -6.51 12.90 -5.94
N ILE A 298 -6.50 12.48 -7.20
CA ILE A 298 -7.62 11.75 -7.74
C ILE A 298 -7.75 10.38 -7.12
N ALA A 299 -6.63 9.67 -7.13
CA ALA A 299 -6.60 8.34 -6.55
C ALA A 299 -7.09 8.34 -5.11
N LEU A 300 -6.65 9.34 -4.33
CA LEU A 300 -7.01 9.46 -2.92
C LEU A 300 -8.48 9.77 -2.72
N ALA A 301 -8.99 10.64 -3.60
CA ALA A 301 -10.37 11.05 -3.55
C ALA A 301 -11.26 9.84 -3.77
N HIS A 302 -10.83 8.99 -4.70
CA HIS A 302 -11.59 7.78 -4.96
C HIS A 302 -11.52 6.81 -3.81
N LEU A 303 -10.44 6.88 -3.03
CA LEU A 303 -10.28 6.03 -1.85
C LEU A 303 -10.95 6.69 -0.67
N SER A 304 -11.27 7.99 -0.80
CA SER A 304 -11.87 8.74 0.28
C SER A 304 -10.91 8.79 1.45
N MET A 305 -9.64 9.03 1.15
CA MET A 305 -8.62 9.07 2.17
C MET A 305 -7.88 10.39 2.24
N GLU A 306 -7.60 10.85 3.43
CA GLU A 306 -6.82 12.06 3.61
C GLU A 306 -5.55 11.68 4.37
N PRO A 307 -4.41 11.73 3.71
CA PRO A 307 -3.17 11.34 4.37
C PRO A 307 -2.81 12.23 5.53
N TYR A 308 -1.98 11.73 6.44
CA TYR A 308 -1.54 12.50 7.58
C TYR A 308 -0.36 13.44 7.29
N LEU A 309 0.59 12.93 6.51
CA LEU A 309 1.84 13.57 6.15
C LEU A 309 1.89 14.21 4.76
N HIS A 310 2.36 15.45 4.72
CA HIS A 310 2.56 16.20 3.50
C HIS A 310 4.05 16.46 3.43
N MET A 311 4.78 15.54 2.77
CA MET A 311 6.23 15.62 2.70
C MET A 311 6.80 15.80 1.30
N ALA A 312 5.91 15.83 0.31
CA ALA A 312 6.25 15.94 -1.10
C ALA A 312 7.11 14.78 -1.54
N MET A 313 6.87 13.63 -0.90
CA MET A 313 7.65 12.45 -1.21
C MET A 313 7.18 11.74 -2.45
N ARG A 314 8.14 11.12 -3.13
CA ARG A 314 7.87 10.42 -4.36
C ARG A 314 8.95 9.36 -4.65
N LEU A 315 9.45 8.76 -3.59
CA LEU A 315 10.48 7.77 -3.70
C LEU A 315 9.90 6.37 -3.84
N GLY A 316 8.84 6.08 -3.10
CA GLY A 316 8.26 4.75 -3.12
C GLY A 316 9.00 3.89 -2.12
N GLU A 317 9.12 2.59 -2.45
CA GLU A 317 9.80 1.61 -1.61
C GLU A 317 9.10 1.32 -0.32
N GLY A 318 8.06 2.09 -0.03
CA GLY A 318 7.37 1.93 1.23
C GLY A 318 7.97 2.93 2.22
N SER A 319 8.67 3.93 1.71
CA SER A 319 9.29 4.92 2.58
C SER A 319 8.27 5.75 3.36
N GLY A 320 7.14 6.07 2.72
CA GLY A 320 6.08 6.83 3.35
C GLY A 320 5.44 6.01 4.49
N ALA A 321 5.21 4.73 4.21
CA ALA A 321 4.64 3.80 5.17
C ALA A 321 5.43 3.79 6.48
N ALA A 322 6.74 3.61 6.37
CA ALA A 322 7.62 3.60 7.53
C ALA A 322 7.53 4.91 8.28
N LEU A 323 7.52 5.98 7.52
CA LEU A 323 7.45 7.30 8.07
C LEU A 323 6.20 7.50 8.95
N ALA A 324 5.09 6.84 8.61
CA ALA A 324 3.86 7.01 9.40
C ALA A 324 3.69 6.14 10.63
N MET A 325 4.55 5.15 10.76
CA MET A 325 4.45 4.23 11.87
C MET A 325 4.39 4.85 13.27
N PRO A 326 5.24 5.85 13.53
CA PRO A 326 5.23 6.50 14.83
C PRO A 326 3.89 7.17 15.12
N ILE A 327 3.23 7.63 14.08
CA ILE A 327 1.95 8.25 14.27
C ILE A 327 1.00 7.18 14.81
N VAL A 328 1.08 6.00 14.22
CA VAL A 328 0.24 4.92 14.68
C VAL A 328 0.58 4.54 16.11
N GLU A 329 1.87 4.57 16.44
CA GLU A 329 2.24 4.28 17.80
C GLU A 329 1.75 5.34 18.77
N ALA A 330 1.78 6.59 18.32
CA ALA A 330 1.33 7.71 19.13
C ALA A 330 -0.12 7.59 19.55
N ALA A 331 -0.96 7.15 18.63
CA ALA A 331 -2.37 7.01 18.94
C ALA A 331 -2.58 5.96 20.04
N CYS A 332 -1.72 4.94 20.07
CA CYS A 332 -1.83 3.91 21.07
C CYS A 332 -1.42 4.43 22.45
N ALA A 333 -0.30 5.16 22.45
CA ALA A 333 0.25 5.75 23.65
C ALA A 333 -0.78 6.70 24.25
N MET A 334 -1.36 7.50 23.37
CA MET A 334 -2.37 8.42 23.81
C MET A 334 -3.43 7.62 24.55
N PHE A 335 -4.01 6.65 23.83
CA PHE A 335 -5.06 5.80 24.33
C PHE A 335 -4.80 5.16 25.66
N HIS A 336 -3.56 4.72 25.82
CA HIS A 336 -3.22 3.99 27.01
C HIS A 336 -2.55 4.78 28.11
N ASN A 337 -1.74 5.73 27.77
CA ASN A 337 -1.04 6.39 28.83
C ASN A 337 -1.60 7.67 29.37
N MET A 338 -2.57 8.26 28.70
CA MET A 338 -3.10 9.51 29.23
C MET A 338 -3.95 9.30 30.45
N GLY A 339 -3.94 10.30 31.33
CA GLY A 339 -4.76 10.24 32.55
C GLY A 339 -6.23 10.60 32.26
N GLU A 340 -7.10 10.40 33.26
CA GLU A 340 -8.52 10.67 33.06
C GLU A 340 -9.03 11.89 33.79
N LEU A 341 -9.95 12.60 33.12
CA LEU A 341 -10.58 13.79 33.64
C LEU A 341 -11.16 13.59 35.03
N ALA A 342 -11.87 12.49 35.20
CA ALA A 342 -12.53 12.21 36.46
C ALA A 342 -11.58 12.17 37.63
N ALA A 343 -10.41 11.61 37.37
CA ALA A 343 -9.39 11.48 38.37
C ALA A 343 -8.79 12.83 38.79
N SER A 344 -9.10 13.88 38.02
CA SER A 344 -8.64 15.20 38.36
C SER A 344 -9.78 16.05 38.91
N ASN A 345 -10.98 15.48 38.83
CA ASN A 345 -12.17 16.17 39.28
C ASN A 345 -12.50 17.29 38.33
N ILE A 346 -11.98 17.15 37.12
CA ILE A 346 -12.23 18.12 36.11
C ILE A 346 -13.47 17.75 35.31
N VAL A 347 -14.30 18.76 35.06
CA VAL A 347 -15.52 18.57 34.30
C VAL A 347 -15.57 19.53 33.14
N LEU A 348 -15.74 18.99 31.95
CA LEU A 348 -15.82 19.82 30.75
C LEU A 348 -17.10 19.48 29.99
N PRO A 349 -17.70 20.52 29.42
CA PRO A 349 -18.93 20.42 28.64
C PRO A 349 -18.83 19.33 27.58
#